data_2G71
#
_entry.id   2G71
#
_cell.length_a   94.150
_cell.length_b   94.150
_cell.length_c   188.190
_cell.angle_alpha   90.00
_cell.angle_beta   90.00
_cell.angle_gamma   90.00
#
_symmetry.space_group_name_H-M   'P 43 21 2'
#
loop_
_entity.id
_entity.type
_entity.pdbx_description
1 polymer 'Phenylethanolamine N-methyltransferase'
2 non-polymer S-ADENOSYL-L-HOMOCYSTEINE
3 non-polymer (3R)-3-(FLUOROMETHYL)-N-(3,3,3-TRIFLUOROPROPYL)-1,2,3,4-TETRAHYDROISOQUINOLINE-7-SULFONAMIDE
4 non-polymer GLYCEROL
5 water water
#
_entity_poly.entity_id   1
_entity_poly.type   'polypeptide(L)'
_entity_poly.pdbx_seq_one_letter_code
;MSGADRSPNAGAAPDSAPGQAAVASAYQRFEPRAYLRNNYAPPRGDLCNPNGVGPWKLRCLAQTFATGEVSGRTLIDIGS
GPTVYQLLSACSHFEDITMTDFLEVNRQELGRWLQEEPGAFNWSMYSQHACLIEGKGECWQDKERQLRARVKRVLPIDVH
QPQPLGAGSPAPLPADALVSAFCLEAVSPDLASFQRALDHITTLLRPGGHLLLIGALEESWYLAGEARLTVVPVSEEEVR
EALVRSGYKVRDLRTYIMPAHLQTGVDDVKGVFFAWAQKVGLEHHHHHH
;
_entity_poly.pdbx_strand_id   A,B
#
# COMPACT_ATOMS: atom_id res chain seq x y z
N ALA A 21 -13.19 29.64 -28.37
CA ALA A 21 -13.32 28.59 -29.42
C ALA A 21 -11.94 28.21 -29.97
N ALA A 22 -10.98 29.12 -29.81
CA ALA A 22 -9.61 28.89 -30.25
C ALA A 22 -9.00 27.77 -29.41
N VAL A 23 -9.07 27.93 -28.10
CA VAL A 23 -8.55 26.92 -27.18
C VAL A 23 -9.40 25.66 -27.38
N ALA A 24 -10.72 25.83 -27.28
CA ALA A 24 -11.67 24.73 -27.45
C ALA A 24 -11.34 23.92 -28.69
N SER A 25 -10.82 24.59 -29.71
CA SER A 25 -10.45 23.95 -30.97
C SER A 25 -9.23 23.06 -30.78
N ALA A 26 -8.24 23.57 -30.06
CA ALA A 26 -7.00 22.83 -29.80
C ALA A 26 -7.28 21.59 -28.96
N TYR A 27 -8.19 21.70 -28.00
CA TYR A 27 -8.52 20.58 -27.14
C TYR A 27 -9.20 19.45 -27.88
N GLN A 28 -9.47 19.65 -29.16
CA GLN A 28 -10.12 18.63 -29.96
C GLN A 28 -9.15 17.53 -30.34
N ARG A 29 -7.85 17.83 -30.28
CA ARG A 29 -6.85 16.84 -30.61
C ARG A 29 -6.24 16.23 -29.35
N PHE A 30 -6.72 16.68 -28.20
CA PHE A 30 -6.27 16.22 -26.89
C PHE A 30 -6.37 14.70 -26.75
N GLU A 31 -5.24 14.03 -26.52
CA GLU A 31 -5.20 12.57 -26.35
C GLU A 31 -5.08 12.17 -24.87
N PRO A 32 -6.18 11.70 -24.27
CA PRO A 32 -6.23 11.28 -22.87
C PRO A 32 -5.06 10.41 -22.41
N ARG A 33 -4.73 9.39 -23.20
CA ARG A 33 -3.63 8.49 -22.83
C ARG A 33 -2.26 9.13 -22.95
N ALA A 34 -2.14 10.11 -23.84
CA ALA A 34 -0.86 10.80 -24.00
C ALA A 34 -0.70 11.74 -22.81
N TYR A 35 -1.81 12.32 -22.37
CA TYR A 35 -1.79 13.23 -21.23
C TYR A 35 -1.41 12.47 -19.96
N LEU A 36 -2.04 11.32 -19.76
CA LEU A 36 -1.78 10.48 -18.61
C LEU A 36 -0.32 10.03 -18.57
N ARG A 37 0.18 9.64 -19.72
CA ARG A 37 1.56 9.19 -19.85
C ARG A 37 2.56 10.30 -19.53
N ASN A 38 2.31 11.49 -20.07
CA ASN A 38 3.21 12.62 -19.87
C ASN A 38 3.28 13.11 -18.42
N ASN A 39 2.16 13.04 -17.70
CA ASN A 39 2.09 13.55 -16.34
C ASN A 39 1.89 12.58 -15.19
N TYR A 40 1.27 11.43 -15.44
CA TYR A 40 1.00 10.50 -14.35
C TYR A 40 1.80 9.19 -14.33
N ALA A 41 2.70 9.03 -15.29
CA ALA A 41 3.58 7.86 -15.37
C ALA A 41 4.97 8.41 -15.04
N PRO A 42 5.95 7.53 -14.75
CA PRO A 42 7.30 8.03 -14.42
C PRO A 42 7.84 8.95 -15.52
N PRO A 43 8.72 9.90 -15.16
CA PRO A 43 9.23 10.19 -13.83
C PRO A 43 8.30 10.97 -12.91
N ARG A 44 7.48 11.84 -13.49
CA ARG A 44 6.56 12.65 -12.70
C ARG A 44 5.58 11.83 -11.90
N GLY A 45 5.21 10.67 -12.43
CA GLY A 45 4.26 9.81 -11.74
C GLY A 45 4.88 8.89 -10.71
N ASP A 46 6.20 8.96 -10.53
CA ASP A 46 6.86 8.10 -9.54
C ASP A 46 6.52 8.61 -8.14
N LEU A 47 5.82 7.81 -7.36
CA LEU A 47 5.43 8.23 -6.02
C LEU A 47 6.40 7.81 -4.93
N CYS A 48 7.44 7.04 -5.29
CA CYS A 48 8.40 6.59 -4.30
C CYS A 48 9.30 7.67 -3.75
N ASN A 49 9.68 8.64 -4.59
CA ASN A 49 10.54 9.72 -4.12
C ASN A 49 9.67 10.75 -3.38
N PRO A 50 9.94 10.97 -2.08
CA PRO A 50 9.14 11.92 -1.32
C PRO A 50 9.26 13.36 -1.80
N ASN A 51 10.29 13.65 -2.59
CA ASN A 51 10.51 15.01 -3.12
C ASN A 51 9.77 15.25 -4.44
N GLY A 52 9.13 14.22 -4.97
CA GLY A 52 8.41 14.38 -6.22
C GLY A 52 7.18 15.27 -6.10
N VAL A 53 6.63 15.67 -7.24
CA VAL A 53 5.45 16.52 -7.27
C VAL A 53 4.22 15.71 -6.86
N GLY A 54 4.27 14.40 -7.13
CA GLY A 54 3.15 13.54 -6.78
C GLY A 54 2.84 13.50 -5.31
N PRO A 55 3.83 13.10 -4.52
CA PRO A 55 3.66 13.03 -3.06
C PRO A 55 3.26 14.41 -2.53
N TRP A 56 3.84 15.47 -3.10
CA TRP A 56 3.54 16.83 -2.66
C TRP A 56 2.05 17.17 -2.88
N LYS A 57 1.54 16.91 -4.08
CA LYS A 57 0.14 17.19 -4.34
C LYS A 57 -0.78 16.38 -3.43
N LEU A 58 -0.52 15.08 -3.28
CA LEU A 58 -1.35 14.25 -2.41
C LEU A 58 -1.30 14.69 -0.95
N ARG A 59 -0.17 15.23 -0.48
CA ARG A 59 -0.08 15.69 0.90
C ARG A 59 -0.92 16.95 1.11
N CYS A 60 -0.87 17.88 0.16
CA CYS A 60 -1.64 19.11 0.27
C CYS A 60 -3.12 18.76 0.41
N LEU A 61 -3.58 17.87 -0.46
CA LEU A 61 -4.97 17.44 -0.45
C LEU A 61 -5.33 16.75 0.85
N ALA A 62 -4.53 15.76 1.24
CA ALA A 62 -4.77 14.99 2.46
C ALA A 62 -4.73 15.83 3.74
N GLN A 63 -3.74 16.69 3.86
CA GLN A 63 -3.60 17.53 5.05
C GLN A 63 -4.78 18.46 5.18
N THR A 64 -5.22 19.00 4.06
CA THR A 64 -6.34 19.93 4.06
C THR A 64 -7.59 19.25 4.60
N PHE A 65 -7.98 18.13 4.01
CA PHE A 65 -9.18 17.41 4.46
C PHE A 65 -9.03 16.86 5.87
N ALA A 66 -7.79 16.61 6.30
CA ALA A 66 -7.56 16.07 7.64
C ALA A 66 -7.86 17.10 8.72
N THR A 67 -7.94 18.37 8.34
CA THR A 67 -8.24 19.42 9.30
C THR A 67 -9.70 19.32 9.71
N GLY A 68 -10.47 18.59 8.91
CA GLY A 68 -11.88 18.41 9.19
C GLY A 68 -12.74 19.63 8.90
N GLU A 69 -12.15 20.68 8.34
CA GLU A 69 -12.90 21.89 8.05
C GLU A 69 -13.49 21.93 6.65
N VAL A 70 -13.21 20.91 5.85
CA VAL A 70 -13.75 20.85 4.50
C VAL A 70 -14.68 19.66 4.46
N SER A 71 -15.94 19.90 4.80
CA SER A 71 -16.94 18.85 4.84
C SER A 71 -18.28 19.29 4.28
N GLY A 72 -19.11 18.32 3.94
CA GLY A 72 -20.42 18.59 3.38
C GLY A 72 -21.01 17.33 2.79
N ARG A 73 -21.96 17.47 1.86
CA ARG A 73 -22.58 16.31 1.25
C ARG A 73 -22.23 16.20 -0.22
N THR A 74 -22.15 17.34 -0.90
CA THR A 74 -21.85 17.34 -2.32
C THR A 74 -20.55 18.05 -2.68
N LEU A 75 -19.88 17.52 -3.69
CA LEU A 75 -18.62 18.06 -4.17
C LEU A 75 -18.53 17.90 -5.68
N ILE A 76 -18.02 18.91 -6.36
CA ILE A 76 -17.88 18.86 -7.81
C ILE A 76 -16.42 19.02 -8.19
N ASP A 77 -15.94 18.15 -9.08
CA ASP A 77 -14.57 18.24 -9.55
C ASP A 77 -14.63 18.87 -10.94
N ILE A 78 -14.06 20.08 -11.04
CA ILE A 78 -14.04 20.87 -12.28
C ILE A 78 -12.90 20.48 -13.21
N GLY A 79 -13.22 20.13 -14.44
CA GLY A 79 -12.19 19.77 -15.42
C GLY A 79 -11.37 18.58 -14.96
N SER A 80 -12.07 17.54 -14.53
CA SER A 80 -11.44 16.32 -14.03
C SER A 80 -10.50 15.68 -15.05
N GLY A 81 -10.76 15.88 -16.32
CA GLY A 81 -9.93 15.26 -17.34
C GLY A 81 -10.03 13.75 -17.15
N PRO A 82 -8.95 12.99 -17.44
CA PRO A 82 -8.98 11.54 -17.28
C PRO A 82 -8.35 11.08 -15.98
N THR A 83 -8.33 11.94 -14.97
CA THR A 83 -7.69 11.57 -13.70
C THR A 83 -8.63 11.58 -12.50
N VAL A 84 -8.25 10.82 -11.47
CA VAL A 84 -9.05 10.71 -10.25
C VAL A 84 -8.27 10.96 -8.96
N TYR A 85 -6.94 11.02 -9.03
CA TYR A 85 -6.10 11.22 -7.84
C TYR A 85 -6.54 12.42 -7.01
N GLN A 86 -7.09 13.43 -7.68
CA GLN A 86 -7.51 14.65 -7.00
C GLN A 86 -8.71 14.45 -6.09
N LEU A 87 -9.30 13.26 -6.12
CA LEU A 87 -10.47 12.97 -5.28
C LEU A 87 -10.23 11.87 -4.25
N LEU A 88 -9.04 11.28 -4.25
CA LEU A 88 -8.72 10.19 -3.33
C LEU A 88 -8.87 10.51 -1.86
N SER A 89 -8.47 11.70 -1.43
CA SER A 89 -8.60 12.06 -0.03
C SER A 89 -9.93 12.72 0.26
N ALA A 90 -10.53 13.31 -0.79
CA ALA A 90 -11.80 14.00 -0.65
C ALA A 90 -13.00 13.08 -0.55
N CYS A 91 -12.96 11.95 -1.26
CA CYS A 91 -14.10 11.03 -1.28
C CYS A 91 -14.67 10.57 0.06
N SER A 92 -13.87 10.60 1.13
CA SER A 92 -14.38 10.15 2.42
C SER A 92 -15.01 11.29 3.23
N HIS A 93 -15.23 12.43 2.58
CA HIS A 93 -15.82 13.58 3.25
C HIS A 93 -17.08 14.04 2.53
N PHE A 94 -17.34 13.47 1.36
CA PHE A 94 -18.50 13.84 0.57
C PHE A 94 -19.15 12.62 -0.05
N GLU A 95 -20.42 12.39 0.28
CA GLU A 95 -21.17 11.23 -0.22
C GLU A 95 -21.64 11.34 -1.66
N ASP A 96 -21.83 12.56 -2.15
CA ASP A 96 -22.25 12.75 -3.53
C ASP A 96 -21.15 13.53 -4.26
N ILE A 97 -20.46 12.85 -5.17
CA ILE A 97 -19.40 13.50 -5.91
C ILE A 97 -19.72 13.52 -7.40
N THR A 98 -19.51 14.69 -8.00
CA THR A 98 -19.74 14.90 -9.41
C THR A 98 -18.41 15.23 -10.09
N MET A 99 -18.08 14.50 -11.15
CA MET A 99 -16.85 14.75 -11.89
C MET A 99 -17.25 15.38 -13.21
N THR A 100 -16.35 16.18 -13.79
CA THR A 100 -16.69 16.86 -15.02
C THR A 100 -15.53 17.07 -16.00
N ASP A 101 -15.89 17.37 -17.24
CA ASP A 101 -14.91 17.70 -18.26
C ASP A 101 -15.54 18.10 -19.59
N PHE A 102 -14.81 18.96 -20.30
CA PHE A 102 -15.23 19.49 -21.59
C PHE A 102 -15.14 18.44 -22.69
N LEU A 103 -14.23 17.49 -22.54
CA LEU A 103 -14.05 16.47 -23.57
C LEU A 103 -14.75 15.15 -23.32
N GLU A 104 -15.44 14.69 -24.35
CA GLU A 104 -16.15 13.42 -24.31
C GLU A 104 -15.11 12.32 -24.06
N VAL A 105 -13.99 12.39 -24.76
CA VAL A 105 -12.94 11.39 -24.62
C VAL A 105 -12.50 11.23 -23.17
N ASN A 106 -12.39 12.34 -22.44
CA ASN A 106 -11.99 12.27 -21.04
C ASN A 106 -13.07 11.64 -20.17
N ARG A 107 -14.33 12.01 -20.42
CA ARG A 107 -15.42 11.45 -19.64
C ARG A 107 -15.46 9.95 -19.90
N GLN A 108 -15.12 9.57 -21.13
CA GLN A 108 -15.10 8.16 -21.52
C GLN A 108 -14.04 7.44 -20.69
N GLU A 109 -12.85 8.04 -20.63
CA GLU A 109 -11.72 7.48 -19.89
C GLU A 109 -12.05 7.32 -18.40
N LEU A 110 -12.72 8.32 -17.82
CA LEU A 110 -13.09 8.25 -16.41
C LEU A 110 -14.06 7.07 -16.21
N GLY A 111 -14.97 6.90 -17.16
CA GLY A 111 -15.94 5.83 -17.08
C GLY A 111 -15.27 4.48 -17.00
N ARG A 112 -14.25 4.28 -17.83
CA ARG A 112 -13.53 3.03 -17.85
C ARG A 112 -12.93 2.66 -16.49
N TRP A 113 -12.57 3.68 -15.71
CA TRP A 113 -11.99 3.40 -14.39
C TRP A 113 -13.09 3.23 -13.35
N LEU A 114 -14.08 4.10 -13.39
CA LEU A 114 -15.18 4.02 -12.44
C LEU A 114 -15.92 2.68 -12.58
N GLN A 115 -16.11 2.23 -13.82
CA GLN A 115 -16.80 0.97 -14.09
C GLN A 115 -15.85 -0.23 -14.07
N GLU A 116 -14.56 0.03 -13.86
CA GLU A 116 -13.55 -1.03 -13.84
C GLU A 116 -13.51 -1.77 -15.17
N GLU A 117 -13.84 -1.06 -16.24
CA GLU A 117 -13.85 -1.62 -17.59
C GLU A 117 -12.44 -1.97 -18.07
N PRO A 118 -12.31 -2.53 -19.28
CA PRO A 118 -10.99 -2.88 -19.79
C PRO A 118 -10.19 -1.66 -20.28
N GLY A 119 -8.90 -1.65 -19.97
CA GLY A 119 -8.04 -0.56 -20.40
C GLY A 119 -8.05 0.67 -19.51
N ALA A 120 -8.76 0.60 -18.39
CA ALA A 120 -8.79 1.73 -17.48
C ALA A 120 -7.36 2.05 -17.06
N PHE A 121 -7.08 3.31 -16.76
CA PHE A 121 -5.75 3.68 -16.32
C PHE A 121 -5.58 3.08 -14.93
N ASN A 122 -4.35 2.71 -14.57
CA ASN A 122 -4.11 2.12 -13.26
C ASN A 122 -3.68 3.17 -12.23
N TRP A 123 -4.60 3.52 -11.33
CA TRP A 123 -4.34 4.50 -10.28
C TRP A 123 -3.99 3.86 -8.94
N SER A 124 -3.77 2.55 -8.92
CA SER A 124 -3.50 1.88 -7.65
C SER A 124 -2.32 2.47 -6.88
N MET A 125 -1.30 2.96 -7.57
CA MET A 125 -0.15 3.56 -6.87
C MET A 125 -0.57 4.81 -6.09
N TYR A 126 -1.40 5.65 -6.71
CA TYR A 126 -1.87 6.87 -6.05
C TYR A 126 -2.80 6.54 -4.89
N SER A 127 -3.67 5.55 -5.07
CA SER A 127 -4.60 5.15 -4.02
C SER A 127 -3.78 4.73 -2.81
N GLN A 128 -2.76 3.93 -3.06
CA GLN A 128 -1.88 3.42 -2.01
C GLN A 128 -1.18 4.56 -1.28
N HIS A 129 -0.69 5.55 -2.01
CA HIS A 129 -0.02 6.65 -1.36
C HIS A 129 -0.96 7.55 -0.60
N ALA A 130 -2.20 7.68 -1.07
CA ALA A 130 -3.17 8.49 -0.35
C ALA A 130 -3.43 7.78 0.98
N CYS A 131 -3.50 6.46 0.95
CA CYS A 131 -3.72 5.68 2.18
C CYS A 131 -2.53 5.81 3.10
N LEU A 132 -1.35 5.77 2.52
CA LEU A 132 -0.10 5.89 3.27
C LEU A 132 -0.04 7.24 3.97
N ILE A 133 -0.28 8.30 3.20
CA ILE A 133 -0.24 9.67 3.69
C ILE A 133 -1.32 9.96 4.73
N GLU A 134 -2.55 9.53 4.45
CA GLU A 134 -3.64 9.76 5.38
C GLU A 134 -3.36 9.10 6.73
N GLY A 135 -2.72 7.93 6.70
CA GLY A 135 -2.39 7.23 7.94
C GLY A 135 -3.56 6.75 8.77
N LYS A 136 -4.55 6.14 8.14
CA LYS A 136 -5.71 5.63 8.86
C LYS A 136 -5.78 4.11 8.75
N GLY A 137 -4.69 3.51 8.28
CA GLY A 137 -4.63 2.06 8.15
C GLY A 137 -5.50 1.50 7.05
N GLU A 138 -6.12 2.36 6.26
CA GLU A 138 -7.00 1.93 5.18
C GLU A 138 -6.23 1.26 4.03
N CYS A 139 -6.82 0.20 3.47
CA CYS A 139 -6.21 -0.51 2.35
C CYS A 139 -6.63 0.24 1.08
N TRP A 140 -5.79 0.26 0.05
CA TRP A 140 -6.13 1.00 -1.15
C TRP A 140 -7.39 0.53 -1.88
N GLN A 141 -7.72 -0.75 -1.79
CA GLN A 141 -8.92 -1.26 -2.46
C GLN A 141 -10.20 -0.63 -1.88
N ASP A 142 -10.21 -0.43 -0.56
CA ASP A 142 -11.37 0.18 0.10
C ASP A 142 -11.46 1.66 -0.28
N LYS A 143 -10.31 2.27 -0.52
CA LYS A 143 -10.25 3.68 -0.90
C LYS A 143 -10.82 3.84 -2.31
N GLU A 144 -10.38 3.00 -3.24
CA GLU A 144 -10.88 3.07 -4.60
C GLU A 144 -12.35 2.70 -4.63
N ARG A 145 -12.74 1.77 -3.76
CA ARG A 145 -14.13 1.32 -3.67
C ARG A 145 -15.02 2.49 -3.25
N GLN A 146 -14.59 3.22 -2.22
CA GLN A 146 -15.35 4.36 -1.72
C GLN A 146 -15.49 5.45 -2.79
N LEU A 147 -14.40 5.80 -3.47
CA LEU A 147 -14.46 6.83 -4.49
C LEU A 147 -15.46 6.43 -5.58
N ARG A 148 -15.28 5.23 -6.14
CA ARG A 148 -16.16 4.75 -7.20
C ARG A 148 -17.63 4.80 -6.76
N ALA A 149 -17.87 4.49 -5.50
CA ALA A 149 -19.22 4.49 -4.95
C ALA A 149 -19.83 5.87 -4.83
N ARG A 150 -19.00 6.85 -4.47
CA ARG A 150 -19.49 8.21 -4.27
C ARG A 150 -19.57 9.11 -5.51
N VAL A 151 -18.89 8.72 -6.59
CA VAL A 151 -18.95 9.49 -7.82
C VAL A 151 -20.26 9.08 -8.49
N LYS A 152 -21.27 9.93 -8.37
CA LYS A 152 -22.59 9.65 -8.92
C LYS A 152 -22.72 9.96 -10.41
N ARG A 153 -21.95 10.90 -10.92
CA ARG A 153 -22.03 11.27 -12.32
C ARG A 153 -20.79 11.95 -12.89
N VAL A 154 -20.61 11.82 -14.21
CA VAL A 154 -19.51 12.43 -14.94
C VAL A 154 -20.21 13.32 -15.98
N LEU A 155 -20.23 14.62 -15.73
CA LEU A 155 -20.91 15.58 -16.60
C LEU A 155 -20.05 16.52 -17.44
N PRO A 156 -20.56 16.93 -18.61
CA PRO A 156 -19.82 17.85 -19.49
C PRO A 156 -19.85 19.22 -18.81
N ILE A 157 -18.87 20.06 -19.11
CA ILE A 157 -18.80 21.37 -18.49
C ILE A 157 -17.93 22.28 -19.35
N ASP A 158 -18.11 23.59 -19.18
CA ASP A 158 -17.36 24.59 -19.92
C ASP A 158 -17.21 25.78 -18.99
N VAL A 159 -16.07 25.91 -18.34
CA VAL A 159 -15.86 27.01 -17.41
C VAL A 159 -16.01 28.38 -18.08
N HIS A 160 -15.98 28.42 -19.40
CA HIS A 160 -16.12 29.69 -20.10
C HIS A 160 -17.55 30.21 -20.15
N GLN A 161 -18.50 29.37 -19.77
CA GLN A 161 -19.92 29.76 -19.75
C GLN A 161 -20.27 30.29 -18.37
N PRO A 162 -21.10 31.35 -18.31
CA PRO A 162 -21.51 31.94 -17.03
C PRO A 162 -22.15 30.88 -16.15
N GLN A 163 -22.68 29.85 -16.79
CA GLN A 163 -23.30 28.71 -16.10
C GLN A 163 -22.55 27.49 -16.64
N PRO A 164 -21.36 27.20 -16.07
CA PRO A 164 -20.48 26.08 -16.43
C PRO A 164 -21.15 24.75 -16.76
N LEU A 165 -21.98 24.28 -15.85
CA LEU A 165 -22.67 23.00 -16.03
C LEU A 165 -23.87 23.10 -16.97
N GLY A 166 -24.49 24.28 -17.00
CA GLY A 166 -25.64 24.45 -17.87
C GLY A 166 -26.91 24.80 -17.12
N ALA A 167 -28.05 24.67 -17.81
CA ALA A 167 -29.35 24.97 -17.25
C ALA A 167 -29.87 23.94 -16.25
N GLY A 168 -30.29 22.78 -16.78
CA GLY A 168 -30.82 21.74 -15.91
C GLY A 168 -29.84 20.60 -15.66
N SER A 169 -28.71 20.92 -15.03
CA SER A 169 -27.69 19.92 -14.74
C SER A 169 -28.15 18.98 -13.63
N PRO A 170 -27.85 17.68 -13.77
CA PRO A 170 -28.21 16.65 -12.79
C PRO A 170 -27.39 16.78 -11.51
N ALA A 171 -26.53 17.79 -11.47
CA ALA A 171 -25.67 18.01 -10.31
C ALA A 171 -26.32 18.84 -9.21
N PRO A 172 -26.21 18.39 -7.96
CA PRO A 172 -26.80 19.11 -6.83
C PRO A 172 -26.11 20.46 -6.68
N LEU A 173 -26.86 21.55 -6.81
CA LEU A 173 -26.28 22.88 -6.67
C LEU A 173 -27.06 23.67 -5.64
N PRO A 174 -26.36 24.54 -4.88
CA PRO A 174 -24.92 24.78 -5.00
C PRO A 174 -24.17 23.63 -4.33
N ALA A 175 -22.91 23.45 -4.72
CA ALA A 175 -22.09 22.39 -4.15
C ALA A 175 -21.51 22.84 -2.81
N ASP A 176 -21.27 21.89 -1.92
CA ASP A 176 -20.71 22.20 -0.61
C ASP A 176 -19.22 22.51 -0.76
N ALA A 177 -18.62 22.00 -1.83
CA ALA A 177 -17.20 22.22 -2.08
C ALA A 177 -16.82 21.93 -3.52
N LEU A 178 -15.72 22.53 -3.95
CA LEU A 178 -15.21 22.33 -5.31
C LEU A 178 -13.74 21.97 -5.29
N VAL A 179 -13.33 21.17 -6.28
CA VAL A 179 -11.94 20.77 -6.43
C VAL A 179 -11.65 21.01 -7.90
N SER A 180 -10.49 21.59 -8.21
CA SER A 180 -10.12 21.80 -9.60
C SER A 180 -8.61 21.77 -9.74
N ALA A 181 -8.12 20.88 -10.60
CA ALA A 181 -6.69 20.74 -10.78
C ALA A 181 -6.24 20.91 -12.23
N PHE A 182 -5.37 21.88 -12.46
CA PHE A 182 -4.82 22.15 -13.77
C PHE A 182 -5.85 22.42 -14.87
N CYS A 183 -6.96 23.06 -14.52
CA CYS A 183 -7.97 23.33 -15.51
C CYS A 183 -7.98 24.78 -15.99
N LEU A 184 -8.36 25.69 -15.09
CA LEU A 184 -8.47 27.10 -15.41
C LEU A 184 -7.33 27.71 -16.22
N GLU A 185 -6.10 27.59 -15.73
CA GLU A 185 -4.98 28.16 -16.47
C GLU A 185 -4.79 27.45 -17.80
N ALA A 186 -5.10 26.16 -17.83
CA ALA A 186 -4.95 25.36 -19.05
C ALA A 186 -5.98 25.64 -20.13
N VAL A 187 -7.05 26.37 -19.79
CA VAL A 187 -8.09 26.66 -20.77
C VAL A 187 -8.31 28.15 -21.01
N SER A 188 -7.53 28.98 -20.33
CA SER A 188 -7.65 30.42 -20.47
C SER A 188 -6.47 31.00 -21.24
N PRO A 189 -6.75 31.81 -22.28
CA PRO A 189 -5.70 32.43 -23.11
C PRO A 189 -4.94 33.54 -22.38
N ASP A 190 -5.54 34.09 -21.32
CA ASP A 190 -4.88 35.17 -20.58
C ASP A 190 -5.46 35.28 -19.19
N LEU A 191 -4.89 36.18 -18.39
CA LEU A 191 -5.33 36.38 -17.02
C LEU A 191 -6.83 36.68 -16.87
N ALA A 192 -7.31 37.67 -17.62
CA ALA A 192 -8.71 38.05 -17.55
C ALA A 192 -9.65 36.86 -17.74
N SER A 193 -9.32 36.01 -18.70
CA SER A 193 -10.15 34.83 -18.95
C SER A 193 -10.10 33.95 -17.70
N PHE A 194 -8.91 33.81 -17.13
CA PHE A 194 -8.69 33.00 -15.93
C PHE A 194 -9.63 33.48 -14.84
N GLN A 195 -9.68 34.79 -14.65
CA GLN A 195 -10.53 35.40 -13.62
C GLN A 195 -11.99 35.08 -13.85
N ARG A 196 -12.49 35.35 -15.05
CA ARG A 196 -13.88 35.08 -15.36
C ARG A 196 -14.21 33.60 -15.18
N ALA A 197 -13.33 32.74 -15.67
CA ALA A 197 -13.53 31.29 -15.55
C ALA A 197 -13.66 30.95 -14.07
N LEU A 198 -12.92 31.66 -13.22
CA LEU A 198 -12.99 31.42 -11.79
C LEU A 198 -14.31 31.93 -11.22
N ASP A 199 -14.81 33.05 -11.74
CA ASP A 199 -16.06 33.59 -11.26
C ASP A 199 -17.17 32.65 -11.73
N HIS A 200 -16.99 32.09 -12.91
CA HIS A 200 -17.99 31.17 -13.45
C HIS A 200 -18.17 29.95 -12.55
N ILE A 201 -17.07 29.30 -12.18
CA ILE A 201 -17.17 28.12 -11.33
C ILE A 201 -17.53 28.47 -9.89
N THR A 202 -17.16 29.66 -9.45
CA THR A 202 -17.46 30.07 -8.09
C THR A 202 -18.96 30.14 -7.80
N THR A 203 -19.76 30.39 -8.84
CA THR A 203 -21.20 30.48 -8.67
C THR A 203 -21.76 29.10 -8.29
N LEU A 204 -21.04 28.05 -8.68
CA LEU A 204 -21.45 26.68 -8.40
C LEU A 204 -21.25 26.32 -6.93
N LEU A 205 -20.47 27.15 -6.23
CA LEU A 205 -20.16 26.91 -4.82
C LEU A 205 -21.00 27.71 -3.86
N ARG A 206 -21.60 27.02 -2.91
CA ARG A 206 -22.43 27.62 -1.90
C ARG A 206 -21.61 28.54 -0.99
N PRO A 207 -22.19 29.65 -0.55
CA PRO A 207 -21.49 30.59 0.33
C PRO A 207 -20.96 29.86 1.55
N GLY A 208 -19.74 30.20 1.96
CA GLY A 208 -19.13 29.54 3.09
C GLY A 208 -18.47 28.25 2.65
N GLY A 209 -18.69 27.88 1.39
CA GLY A 209 -18.11 26.67 0.84
C GLY A 209 -16.60 26.70 0.69
N HIS A 210 -16.04 25.61 0.20
CA HIS A 210 -14.59 25.52 0.03
C HIS A 210 -14.17 25.15 -1.37
N LEU A 211 -13.06 25.72 -1.80
CA LEU A 211 -12.49 25.46 -3.10
C LEU A 211 -11.04 25.03 -2.93
N LEU A 212 -10.71 23.88 -3.51
CA LEU A 212 -9.35 23.38 -3.46
C LEU A 212 -8.88 23.49 -4.91
N LEU A 213 -7.97 24.42 -5.15
CA LEU A 213 -7.47 24.66 -6.49
C LEU A 213 -5.99 24.31 -6.63
N ILE A 214 -5.69 23.48 -7.63
CA ILE A 214 -4.32 23.08 -7.91
C ILE A 214 -4.04 23.48 -9.35
N GLY A 215 -2.81 23.91 -9.62
CA GLY A 215 -2.49 24.31 -10.98
C GLY A 215 -1.03 24.55 -11.30
N ALA A 216 -0.75 24.76 -12.57
CA ALA A 216 0.62 25.00 -13.03
C ALA A 216 1.02 26.46 -12.85
N LEU A 217 2.27 26.68 -12.43
CA LEU A 217 2.78 28.02 -12.25
C LEU A 217 3.70 28.42 -13.39
N GLU A 218 3.49 29.62 -13.90
CA GLU A 218 4.30 30.17 -14.99
C GLU A 218 4.46 29.22 -16.18
N GLU A 219 3.40 28.50 -16.52
CA GLU A 219 3.45 27.58 -17.66
C GLU A 219 2.80 28.25 -18.88
N SER A 220 3.33 28.01 -20.08
CA SER A 220 2.75 28.63 -21.26
C SER A 220 2.23 27.62 -22.30
N TRP A 221 2.65 26.37 -22.19
CA TRP A 221 2.18 25.33 -23.11
C TRP A 221 2.42 23.94 -22.53
N TYR A 222 1.70 22.95 -23.05
CA TYR A 222 1.87 21.57 -22.62
C TYR A 222 1.34 20.71 -23.75
N LEU A 223 1.91 19.50 -23.87
CA LEU A 223 1.51 18.60 -24.94
C LEU A 223 0.65 17.46 -24.44
N ALA A 224 -0.27 17.03 -25.30
CA ALA A 224 -1.17 15.92 -25.00
C ALA A 224 -1.38 15.14 -26.29
N GLY A 225 -0.29 14.56 -26.80
CA GLY A 225 -0.36 13.81 -28.03
C GLY A 225 -0.14 14.73 -29.21
N GLU A 226 -1.08 14.74 -30.15
CA GLU A 226 -0.98 15.62 -31.31
C GLU A 226 -1.38 17.03 -30.91
N ALA A 227 -2.08 17.15 -29.78
CA ALA A 227 -2.52 18.45 -29.30
C ALA A 227 -1.39 19.21 -28.62
N ARG A 228 -1.34 20.50 -28.88
CA ARG A 228 -0.36 21.40 -28.29
C ARG A 228 -1.24 22.50 -27.71
N LEU A 229 -1.32 22.58 -26.38
CA LEU A 229 -2.18 23.56 -25.74
C LEU A 229 -1.44 24.78 -25.25
N THR A 230 -2.06 25.94 -25.44
CA THR A 230 -1.49 27.19 -24.97
C THR A 230 -1.95 27.29 -23.51
N VAL A 231 -1.14 27.92 -22.67
CA VAL A 231 -1.49 28.06 -21.27
C VAL A 231 -1.19 29.48 -20.84
N VAL A 232 -1.99 30.01 -19.92
CA VAL A 232 -1.76 31.35 -19.42
C VAL A 232 -0.80 31.20 -18.23
N PRO A 233 0.41 31.75 -18.35
CA PRO A 233 1.38 31.63 -17.26
C PRO A 233 1.00 32.55 -16.09
N VAL A 234 0.68 31.96 -14.95
CA VAL A 234 0.30 32.74 -13.78
C VAL A 234 1.31 32.57 -12.65
N SER A 235 1.29 33.49 -11.70
CA SER A 235 2.20 33.44 -10.57
C SER A 235 1.37 33.18 -9.31
N GLU A 236 2.04 32.90 -8.21
CA GLU A 236 1.35 32.64 -6.96
C GLU A 236 0.50 33.86 -6.56
N GLU A 237 1.06 35.06 -6.67
CA GLU A 237 0.33 36.28 -6.31
C GLU A 237 -0.89 36.49 -7.21
N GLU A 238 -0.72 36.23 -8.50
CA GLU A 238 -1.83 36.39 -9.42
C GLU A 238 -2.98 35.45 -9.10
N VAL A 239 -2.65 34.27 -8.56
CA VAL A 239 -3.65 33.28 -8.19
C VAL A 239 -4.34 33.75 -6.92
N ARG A 240 -3.55 34.26 -5.98
CA ARG A 240 -4.09 34.75 -4.72
C ARG A 240 -5.07 35.90 -5.00
N GLU A 241 -4.59 36.90 -5.75
CA GLU A 241 -5.42 38.06 -6.07
C GLU A 241 -6.67 37.65 -6.82
N ALA A 242 -6.54 36.70 -7.74
CA ALA A 242 -7.68 36.22 -8.51
C ALA A 242 -8.72 35.57 -7.59
N LEU A 243 -8.25 34.82 -6.61
CA LEU A 243 -9.14 34.16 -5.66
C LEU A 243 -9.88 35.20 -4.80
N VAL A 244 -9.15 36.24 -4.39
CA VAL A 244 -9.75 37.29 -3.58
C VAL A 244 -10.80 38.07 -4.37
N ARG A 245 -10.45 38.44 -5.60
CA ARG A 245 -11.37 39.17 -6.46
C ARG A 245 -12.65 38.38 -6.69
N SER A 246 -12.55 37.06 -6.61
CA SER A 246 -13.72 36.22 -6.82
C SER A 246 -14.57 36.05 -5.57
N GLY A 247 -14.08 36.57 -4.45
CA GLY A 247 -14.82 36.48 -3.21
C GLY A 247 -14.42 35.35 -2.29
N TYR A 248 -13.13 35.01 -2.28
CA TYR A 248 -12.64 33.92 -1.44
C TYR A 248 -11.70 34.44 -0.35
N LYS A 249 -11.58 33.67 0.71
CA LYS A 249 -10.67 33.99 1.79
C LYS A 249 -9.61 32.90 1.61
N VAL A 250 -8.39 33.30 1.29
CA VAL A 250 -7.32 32.34 1.07
C VAL A 250 -6.84 31.74 2.39
N ARG A 251 -7.21 30.49 2.63
CA ARG A 251 -6.83 29.80 3.85
C ARG A 251 -5.42 29.22 3.76
N ASP A 252 -5.02 28.84 2.55
CA ASP A 252 -3.72 28.24 2.34
C ASP A 252 -3.33 28.27 0.87
N LEU A 253 -2.10 28.67 0.60
CA LEU A 253 -1.57 28.74 -0.76
C LEU A 253 -0.10 28.38 -0.72
N ARG A 254 0.25 27.21 -1.25
CA ARG A 254 1.63 26.75 -1.24
C ARG A 254 2.16 26.57 -2.67
N THR A 255 3.48 26.59 -2.79
CA THR A 255 4.12 26.42 -4.09
C THR A 255 5.15 25.31 -4.07
N TYR A 256 5.17 24.54 -5.15
CA TYR A 256 6.12 23.47 -5.33
C TYR A 256 6.96 23.90 -6.54
N ILE A 257 8.28 23.91 -6.40
CA ILE A 257 9.11 24.29 -7.53
C ILE A 257 9.52 23.01 -8.25
N MET A 258 9.26 22.96 -9.55
CA MET A 258 9.57 21.77 -10.33
C MET A 258 11.07 21.50 -10.42
N PRO A 259 11.52 20.37 -9.85
CA PRO A 259 12.96 20.03 -9.89
C PRO A 259 13.40 19.84 -11.34
N ALA A 260 14.71 19.83 -11.56
CA ALA A 260 15.25 19.66 -12.90
C ALA A 260 14.85 18.34 -13.59
N HIS A 261 14.92 17.22 -12.86
CA HIS A 261 14.57 15.94 -13.47
C HIS A 261 13.08 15.72 -13.74
N LEU A 262 12.25 16.68 -13.35
CA LEU A 262 10.83 16.55 -13.63
C LEU A 262 10.49 17.50 -14.77
N GLN A 263 11.54 18.10 -15.32
CA GLN A 263 11.43 19.02 -16.44
C GLN A 263 11.72 18.17 -17.65
N THR A 264 10.67 17.71 -18.29
CA THR A 264 10.81 16.88 -19.47
C THR A 264 10.43 17.75 -20.66
N GLY A 265 10.13 17.14 -21.80
CA GLY A 265 9.76 17.94 -22.94
C GLY A 265 8.27 18.05 -23.14
N VAL A 266 7.49 17.64 -22.13
CA VAL A 266 6.04 17.66 -22.25
C VAL A 266 5.41 19.01 -21.98
N ASP A 267 6.18 19.94 -21.42
CA ASP A 267 5.69 21.28 -21.12
C ASP A 267 6.82 22.18 -20.64
N ASP A 268 6.46 23.36 -20.16
CA ASP A 268 7.46 24.29 -19.64
C ASP A 268 7.02 24.82 -18.27
N VAL A 269 6.29 23.99 -17.52
CA VAL A 269 5.81 24.35 -16.20
C VAL A 269 6.99 24.63 -15.28
N LYS A 270 6.90 25.70 -14.47
CA LYS A 270 7.96 26.07 -13.55
C LYS A 270 7.72 25.56 -12.14
N GLY A 271 6.44 25.49 -11.76
CA GLY A 271 6.09 25.01 -10.44
C GLY A 271 4.61 24.66 -10.41
N VAL A 272 4.14 24.24 -9.24
CA VAL A 272 2.74 23.88 -9.08
C VAL A 272 2.24 24.58 -7.81
N PHE A 273 1.00 25.05 -7.84
CA PHE A 273 0.46 25.72 -6.67
C PHE A 273 -0.72 24.96 -6.09
N PHE A 274 -0.94 25.12 -4.78
CA PHE A 274 -2.06 24.50 -4.12
C PHE A 274 -2.78 25.59 -3.35
N ALA A 275 -4.07 25.77 -3.65
CA ALA A 275 -4.84 26.79 -2.95
C ALA A 275 -6.08 26.21 -2.30
N TRP A 276 -6.25 26.53 -1.02
CA TRP A 276 -7.42 26.14 -0.25
C TRP A 276 -8.11 27.47 0.01
N ALA A 277 -9.22 27.69 -0.66
CA ALA A 277 -9.95 28.94 -0.50
C ALA A 277 -11.38 28.72 -0.02
N GLN A 278 -11.87 29.66 0.78
CA GLN A 278 -13.23 29.58 1.31
C GLN A 278 -14.09 30.76 0.82
N LYS A 279 -15.19 30.44 0.16
CA LYS A 279 -16.10 31.46 -0.36
C LYS A 279 -16.73 32.19 0.83
N VAL A 280 -16.23 33.39 1.11
CA VAL A 280 -16.76 34.15 2.22
C VAL A 280 -18.00 34.90 1.81
N GLY A 281 -19.14 34.28 2.06
CA GLY A 281 -20.42 34.88 1.73
C GLY A 281 -21.35 34.89 2.93
N PRO B 14 12.17 -41.74 24.59
CA PRO B 14 12.04 -42.76 23.54
C PRO B 14 12.98 -42.52 22.35
N ASP B 15 12.46 -42.75 21.15
CA ASP B 15 13.24 -42.58 19.93
C ASP B 15 12.62 -41.52 19.02
N SER B 16 13.46 -40.63 18.50
CA SER B 16 13.00 -39.53 17.64
C SER B 16 12.98 -39.81 16.14
N ALA B 17 13.89 -40.69 15.70
CA ALA B 17 14.00 -41.02 14.28
C ALA B 17 12.69 -41.36 13.57
N PRO B 18 11.87 -42.25 14.14
CA PRO B 18 10.60 -42.61 13.50
C PRO B 18 9.68 -41.45 13.14
N GLY B 19 9.29 -40.66 14.13
CA GLY B 19 8.41 -39.54 13.86
C GLY B 19 8.98 -38.56 12.85
N GLN B 20 10.29 -38.34 12.92
CA GLN B 20 10.95 -37.43 12.02
C GLN B 20 10.93 -37.95 10.59
N ALA B 21 11.10 -39.27 10.44
CA ALA B 21 11.08 -39.89 9.12
C ALA B 21 9.67 -39.71 8.55
N ALA B 22 8.68 -39.74 9.42
CA ALA B 22 7.28 -39.60 9.02
C ALA B 22 7.04 -38.22 8.43
N VAL B 23 7.62 -37.20 9.07
CA VAL B 23 7.49 -35.82 8.64
C VAL B 23 8.20 -35.61 7.29
N ALA B 24 9.46 -36.03 7.21
CA ALA B 24 10.19 -35.86 5.95
C ALA B 24 9.39 -36.46 4.81
N SER B 25 8.90 -37.69 5.00
CA SER B 25 8.10 -38.39 4.00
C SER B 25 6.91 -37.53 3.58
N ALA B 26 6.12 -37.12 4.58
CA ALA B 26 4.94 -36.30 4.33
C ALA B 26 5.23 -35.03 3.51
N TYR B 27 6.30 -34.30 3.85
CA TYR B 27 6.60 -33.08 3.12
C TYR B 27 7.02 -33.24 1.66
N GLN B 28 7.34 -34.47 1.26
CA GLN B 28 7.71 -34.72 -0.13
C GLN B 28 6.53 -34.43 -1.05
N ARG B 29 5.33 -34.40 -0.48
CA ARG B 29 4.12 -34.12 -1.26
C ARG B 29 3.72 -32.64 -1.13
N PHE B 30 4.49 -31.88 -0.36
CA PHE B 30 4.21 -30.45 -0.15
C PHE B 30 4.28 -29.66 -1.46
N GLU B 31 3.22 -28.94 -1.77
CA GLU B 31 3.14 -28.12 -2.97
C GLU B 31 3.08 -26.64 -2.66
N PRO B 32 4.20 -25.92 -2.87
CA PRO B 32 4.30 -24.48 -2.61
C PRO B 32 3.09 -23.67 -3.06
N ARG B 33 2.77 -23.78 -4.34
CA ARG B 33 1.65 -23.04 -4.92
C ARG B 33 0.29 -23.26 -4.28
N ALA B 34 0.00 -24.48 -3.87
CA ALA B 34 -1.29 -24.77 -3.25
C ALA B 34 -1.23 -24.19 -1.84
N TYR B 35 -0.06 -24.32 -1.22
CA TYR B 35 0.17 -23.79 0.13
C TYR B 35 -0.09 -22.29 0.11
N LEU B 36 0.57 -21.60 -0.83
CA LEU B 36 0.42 -20.16 -0.99
C LEU B 36 -1.03 -19.76 -1.22
N ARG B 37 -1.72 -20.51 -2.09
CA ARG B 37 -3.12 -20.23 -2.37
C ARG B 37 -4.01 -20.47 -1.15
N ASN B 38 -3.79 -21.56 -0.42
CA ASN B 38 -4.62 -21.84 0.75
C ASN B 38 -4.47 -20.81 1.85
N ASN B 39 -3.24 -20.35 2.08
CA ASN B 39 -2.98 -19.43 3.18
C ASN B 39 -2.73 -17.96 2.85
N TYR B 40 -2.13 -17.66 1.71
CA TYR B 40 -1.84 -16.27 1.42
C TYR B 40 -2.69 -15.54 0.40
N ALA B 41 -3.65 -16.24 -0.20
CA ALA B 41 -4.56 -15.61 -1.15
C ALA B 41 -5.86 -15.45 -0.34
N PRO B 42 -6.81 -14.64 -0.81
CA PRO B 42 -8.05 -14.47 -0.05
C PRO B 42 -8.75 -15.82 0.10
N PRO B 43 -9.61 -15.99 1.10
CA PRO B 43 -10.05 -15.04 2.14
C PRO B 43 -9.00 -14.78 3.24
N ARG B 44 -8.11 -15.72 3.49
CA ARG B 44 -7.10 -15.53 4.53
C ARG B 44 -6.07 -14.46 4.16
N GLY B 45 -5.78 -14.34 2.87
CA GLY B 45 -4.80 -13.37 2.43
C GLY B 45 -5.37 -11.99 2.18
N ASP B 46 -6.61 -11.76 2.62
CA ASP B 46 -7.24 -10.47 2.43
C ASP B 46 -6.76 -9.51 3.51
N LEU B 47 -5.98 -8.52 3.10
CA LEU B 47 -5.44 -7.56 4.06
C LEU B 47 -6.33 -6.37 4.36
N CYS B 48 -7.43 -6.22 3.64
CA CYS B 48 -8.34 -5.10 3.86
C CYS B 48 -9.17 -5.24 5.13
N ASN B 49 -9.47 -6.48 5.51
CA ASN B 49 -10.25 -6.72 6.72
C ASN B 49 -9.36 -6.63 7.96
N PRO B 50 -9.51 -5.54 8.73
CA PRO B 50 -8.71 -5.34 9.94
C PRO B 50 -8.83 -6.50 10.94
N ASN B 51 -9.96 -7.18 10.93
CA ASN B 51 -10.17 -8.28 11.85
C ASN B 51 -9.57 -9.59 11.34
N GLY B 52 -8.93 -9.53 10.19
CA GLY B 52 -8.32 -10.72 9.60
C GLY B 52 -7.01 -11.09 10.24
N VAL B 53 -6.50 -12.26 9.88
CA VAL B 53 -5.26 -12.77 10.43
C VAL B 53 -4.03 -12.15 9.80
N GLY B 54 -4.18 -11.63 8.58
CA GLY B 54 -3.05 -11.02 7.90
C GLY B 54 -2.61 -9.77 8.61
N PRO B 55 -3.52 -8.79 8.75
CA PRO B 55 -3.18 -7.54 9.42
C PRO B 55 -2.64 -7.81 10.82
N TRP B 56 -3.27 -8.75 11.53
CA TRP B 56 -2.84 -9.09 12.88
C TRP B 56 -1.39 -9.58 12.91
N LYS B 57 -1.05 -10.51 12.04
CA LYS B 57 0.33 -11.01 12.01
C LYS B 57 1.33 -9.93 11.64
N LEU B 58 1.01 -9.12 10.63
CA LEU B 58 1.90 -8.04 10.20
C LEU B 58 2.01 -6.98 11.28
N ARG B 59 0.92 -6.78 12.00
CA ARG B 59 0.87 -5.80 13.08
C ARG B 59 1.74 -6.24 14.26
N CYS B 60 1.72 -7.54 14.56
CA CYS B 60 2.53 -8.04 15.68
C CYS B 60 4.01 -7.84 15.35
N LEU B 61 4.39 -8.19 14.14
CA LEU B 61 5.78 -8.03 13.71
C LEU B 61 6.21 -6.56 13.70
N ALA B 62 5.41 -5.71 13.07
CA ALA B 62 5.71 -4.29 12.96
C ALA B 62 5.85 -3.62 14.32
N GLN B 63 4.87 -3.83 15.19
CA GLN B 63 4.90 -3.23 16.53
C GLN B 63 6.13 -3.66 17.30
N THR B 64 6.54 -4.92 17.12
CA THR B 64 7.70 -5.45 17.81
C THR B 64 8.99 -4.78 17.34
N PHE B 65 9.17 -4.67 16.03
CA PHE B 65 10.38 -4.03 15.52
C PHE B 65 10.36 -2.53 15.76
N ALA B 66 9.19 -2.00 16.08
CA ALA B 66 9.04 -0.58 16.32
C ALA B 66 9.50 -0.18 17.72
N THR B 67 9.75 -1.15 18.59
CA THR B 67 10.22 -0.80 19.92
C THR B 67 11.71 -0.47 19.82
N GLY B 68 12.31 -0.78 18.67
CA GLY B 68 13.73 -0.52 18.45
C GLY B 68 14.58 -1.49 19.25
N GLU B 69 13.93 -2.33 20.04
CA GLU B 69 14.62 -3.30 20.89
C GLU B 69 15.12 -4.56 20.20
N VAL B 70 14.67 -4.82 18.98
CA VAL B 70 15.11 -6.01 18.27
C VAL B 70 15.96 -5.57 17.09
N SER B 71 17.27 -5.51 17.30
CA SER B 71 18.16 -5.09 16.23
C SER B 71 19.48 -5.86 16.25
N GLY B 72 20.33 -5.56 15.28
CA GLY B 72 21.61 -6.23 15.18
C GLY B 72 22.08 -6.27 13.74
N ARG B 73 22.98 -7.20 13.45
CA ARG B 73 23.51 -7.32 12.11
C ARG B 73 22.91 -8.50 11.36
N THR B 74 22.80 -9.64 12.03
CA THR B 74 22.28 -10.84 11.37
C THR B 74 20.97 -11.41 11.92
N LEU B 75 20.15 -11.91 11.00
CA LEU B 75 18.87 -12.49 11.33
C LEU B 75 18.68 -13.77 10.52
N ILE B 76 18.14 -14.81 11.16
CA ILE B 76 17.89 -16.06 10.46
C ILE B 76 16.41 -16.36 10.55
N ASP B 77 15.80 -16.65 9.41
CA ASP B 77 14.38 -16.99 9.37
C ASP B 77 14.35 -18.52 9.27
N ILE B 78 13.72 -19.15 10.26
CA ILE B 78 13.63 -20.62 10.33
C ILE B 78 12.40 -21.17 9.64
N GLY B 79 12.61 -22.06 8.68
CA GLY B 79 11.51 -22.66 7.96
C GLY B 79 10.69 -21.62 7.21
N SER B 80 11.36 -20.82 6.39
CA SER B 80 10.71 -19.77 5.62
C SER B 80 9.62 -20.29 4.67
N GLY B 81 9.80 -21.51 4.17
CA GLY B 81 8.83 -22.02 3.22
C GLY B 81 8.88 -21.16 1.97
N PRO B 82 7.75 -20.95 1.29
CA PRO B 82 7.78 -20.13 0.07
C PRO B 82 7.29 -18.71 0.33
N THR B 83 7.34 -18.26 1.58
CA THR B 83 6.84 -16.94 1.95
C THR B 83 7.90 -15.94 2.45
N VAL B 84 7.65 -14.65 2.24
CA VAL B 84 8.60 -13.62 2.67
C VAL B 84 7.96 -12.54 3.57
N TYR B 85 6.64 -12.57 3.73
CA TYR B 85 5.92 -11.56 4.52
C TYR B 85 6.43 -11.46 5.97
N GLN B 86 6.99 -12.55 6.49
CA GLN B 86 7.50 -12.57 7.86
C GLN B 86 8.78 -11.74 8.02
N LEU B 87 9.30 -11.21 6.92
CA LEU B 87 10.53 -10.42 6.94
C LEU B 87 10.33 -8.99 6.47
N LEU B 88 9.10 -8.64 6.12
CA LEU B 88 8.84 -7.28 5.64
C LEU B 88 9.19 -6.17 6.62
N SER B 89 8.85 -6.35 7.91
CA SER B 89 9.16 -5.33 8.90
C SER B 89 10.56 -5.49 9.47
N ALA B 90 11.05 -6.72 9.46
CA ALA B 90 12.37 -7.01 9.99
C ALA B 90 13.54 -6.56 9.13
N CYS B 91 13.35 -6.57 7.80
CA CYS B 91 14.44 -6.24 6.90
C CYS B 91 15.08 -4.85 7.08
N SER B 92 14.36 -3.91 7.66
CA SER B 92 14.95 -2.58 7.86
C SER B 92 15.78 -2.53 9.15
N HIS B 93 15.89 -3.66 9.83
CA HIS B 93 16.65 -3.71 11.07
C HIS B 93 17.85 -4.66 11.03
N PHE B 94 17.99 -5.43 9.97
CA PHE B 94 19.13 -6.35 9.86
C PHE B 94 19.79 -6.32 8.49
N GLU B 95 21.09 -6.05 8.45
CA GLU B 95 21.83 -5.98 7.18
C GLU B 95 21.98 -7.35 6.52
N ASP B 96 22.10 -8.39 7.34
CA ASP B 96 22.29 -9.74 6.83
C ASP B 96 21.14 -10.67 7.24
N ILE B 97 20.40 -11.15 6.25
CA ILE B 97 19.27 -12.04 6.49
C ILE B 97 19.48 -13.39 5.81
N THR B 98 19.29 -14.47 6.57
CA THR B 98 19.41 -15.82 6.03
C THR B 98 17.99 -16.42 5.99
N MET B 99 17.57 -16.93 4.84
CA MET B 99 16.26 -17.56 4.74
C MET B 99 16.59 -19.05 4.71
N THR B 100 15.66 -19.90 5.15
CA THR B 100 15.95 -21.32 5.16
C THR B 100 14.72 -22.17 4.95
N ASP B 101 14.93 -23.39 4.49
CA ASP B 101 13.84 -24.35 4.35
C ASP B 101 14.29 -25.74 3.99
N PHE B 102 13.55 -26.70 4.52
CA PHE B 102 13.80 -28.12 4.32
C PHE B 102 13.65 -28.54 2.87
N LEU B 103 12.56 -28.09 2.26
CA LEU B 103 12.25 -28.44 0.89
C LEU B 103 12.90 -27.54 -0.15
N GLU B 104 13.54 -28.17 -1.12
CA GLU B 104 14.19 -27.43 -2.19
C GLU B 104 13.15 -26.68 -3.02
N VAL B 105 12.01 -27.32 -3.27
CA VAL B 105 10.94 -26.69 -4.05
C VAL B 105 10.53 -25.38 -3.42
N ASN B 106 10.68 -25.28 -2.11
CA ASN B 106 10.35 -24.03 -1.41
C ASN B 106 11.47 -23.03 -1.64
N ARG B 107 12.71 -23.48 -1.52
CA ARG B 107 13.84 -22.58 -1.74
C ARG B 107 13.82 -22.01 -3.17
N GLN B 108 13.30 -22.79 -4.11
CA GLN B 108 13.23 -22.34 -5.50
C GLN B 108 12.16 -21.30 -5.66
N GLU B 109 11.09 -21.43 -4.89
CA GLU B 109 10.01 -20.46 -4.96
C GLU B 109 10.56 -19.11 -4.48
N LEU B 110 11.39 -19.14 -3.44
CA LEU B 110 11.99 -17.91 -2.92
C LEU B 110 12.95 -17.39 -3.98
N GLY B 111 13.67 -18.31 -4.63
CA GLY B 111 14.58 -17.92 -5.68
C GLY B 111 13.82 -17.13 -6.74
N ARG B 112 12.63 -17.61 -7.08
CA ARG B 112 11.82 -16.94 -8.09
C ARG B 112 11.47 -15.51 -7.69
N TRP B 113 11.16 -15.32 -6.41
CA TRP B 113 10.82 -13.99 -5.95
C TRP B 113 12.05 -13.10 -5.91
N LEU B 114 13.17 -13.67 -5.50
CA LEU B 114 14.41 -12.90 -5.40
C LEU B 114 14.87 -12.38 -6.77
N GLN B 115 14.53 -13.10 -7.84
CA GLN B 115 14.91 -12.70 -9.19
C GLN B 115 13.86 -11.79 -9.79
N GLU B 116 12.82 -11.54 -9.03
CA GLU B 116 11.75 -10.67 -9.49
C GLU B 116 11.12 -11.18 -10.78
N GLU B 117 10.97 -12.51 -10.85
CA GLU B 117 10.36 -13.14 -12.02
C GLU B 117 8.85 -12.97 -11.92
N PRO B 118 8.17 -12.85 -13.07
CA PRO B 118 6.71 -12.69 -13.10
C PRO B 118 5.96 -13.90 -12.54
N GLY B 119 6.53 -15.08 -12.72
CA GLY B 119 5.91 -16.29 -12.24
C GLY B 119 5.95 -16.45 -10.73
N ALA B 120 6.70 -15.59 -10.06
CA ALA B 120 6.81 -15.67 -8.61
C ALA B 120 5.53 -15.22 -7.92
N PHE B 121 5.32 -15.68 -6.70
CA PHE B 121 4.13 -15.28 -5.96
C PHE B 121 4.25 -13.77 -5.75
N ASN B 122 3.13 -13.06 -5.92
CA ASN B 122 3.11 -11.62 -5.75
C ASN B 122 2.81 -11.18 -4.32
N TRP B 123 3.84 -10.67 -3.65
CA TRP B 123 3.72 -10.22 -2.26
C TRP B 123 3.44 -8.73 -2.09
N SER B 124 3.23 -8.00 -3.18
CA SER B 124 3.00 -6.57 -3.10
C SER B 124 1.88 -6.11 -2.16
N MET B 125 0.81 -6.88 -2.02
CA MET B 125 -0.28 -6.48 -1.11
C MET B 125 0.26 -6.48 0.32
N TYR B 126 1.07 -7.47 0.67
CA TYR B 126 1.66 -7.55 2.00
C TYR B 126 2.69 -6.45 2.17
N SER B 127 3.50 -6.23 1.14
CA SER B 127 4.52 -5.19 1.19
C SER B 127 3.90 -3.83 1.42
N GLN B 128 2.81 -3.57 0.70
CA GLN B 128 2.11 -2.29 0.84
C GLN B 128 1.51 -2.16 2.24
N HIS B 129 0.92 -3.25 2.75
CA HIS B 129 0.30 -3.20 4.07
C HIS B 129 1.37 -2.97 5.15
N ALA B 130 2.51 -3.61 4.99
CA ALA B 130 3.59 -3.43 5.97
C ALA B 130 4.01 -1.96 5.96
N CYS B 131 4.19 -1.37 4.78
CA CYS B 131 4.58 0.03 4.69
C CYS B 131 3.48 0.88 5.33
N LEU B 132 2.23 0.49 5.09
CA LEU B 132 1.09 1.20 5.63
C LEU B 132 1.10 1.27 7.14
N ILE B 133 1.30 0.16 7.82
CA ILE B 133 1.27 0.15 9.28
C ILE B 133 2.57 0.58 9.97
N GLU B 134 3.70 0.48 9.27
CA GLU B 134 4.95 0.90 9.87
C GLU B 134 4.93 2.42 10.02
N GLY B 135 4.07 3.06 9.23
CA GLY B 135 3.89 4.51 9.29
C GLY B 135 5.05 5.43 8.94
N LYS B 136 5.91 5.02 8.01
CA LYS B 136 7.04 5.87 7.65
C LYS B 136 6.91 6.41 6.22
N GLY B 137 5.76 6.18 5.60
CA GLY B 137 5.53 6.67 4.25
C GLY B 137 6.38 6.00 3.18
N GLU B 138 6.96 4.86 3.50
CA GLU B 138 7.79 4.13 2.54
C GLU B 138 6.90 3.54 1.45
N CYS B 139 7.40 3.48 0.22
CA CYS B 139 6.61 2.91 -0.87
C CYS B 139 6.95 1.40 -0.89
N TRP B 140 5.99 0.57 -1.27
CA TRP B 140 6.24 -0.86 -1.25
C TRP B 140 7.39 -1.34 -2.11
N GLN B 141 7.63 -0.68 -3.24
CA GLN B 141 8.73 -1.09 -4.10
C GLN B 141 10.08 -0.90 -3.41
N ASP B 142 10.20 0.13 -2.56
CA ASP B 142 11.46 0.35 -1.86
C ASP B 142 11.66 -0.72 -0.80
N LYS B 143 10.57 -1.11 -0.13
CA LYS B 143 10.67 -2.12 0.92
C LYS B 143 11.08 -3.47 0.33
N GLU B 144 10.49 -3.85 -0.81
CA GLU B 144 10.83 -5.12 -1.43
C GLU B 144 12.25 -5.12 -1.97
N ARG B 145 12.69 -3.96 -2.46
CA ARG B 145 14.05 -3.85 -3.01
C ARG B 145 15.06 -4.05 -1.88
N GLN B 146 14.71 -3.54 -0.70
CA GLN B 146 15.57 -3.66 0.46
C GLN B 146 15.62 -5.12 0.94
N LEU B 147 14.45 -5.76 1.01
CA LEU B 147 14.40 -7.16 1.44
C LEU B 147 15.23 -8.02 0.50
N ARG B 148 15.07 -7.79 -0.80
CA ARG B 148 15.82 -8.58 -1.77
C ARG B 148 17.31 -8.36 -1.61
N ALA B 149 17.70 -7.16 -1.18
CA ALA B 149 19.11 -6.82 -1.00
C ALA B 149 19.68 -7.44 0.27
N ARG B 150 18.90 -7.46 1.33
CA ARG B 150 19.39 -7.98 2.61
C ARG B 150 19.37 -9.50 2.72
N VAL B 151 18.60 -10.18 1.87
CA VAL B 151 18.59 -11.64 1.90
C VAL B 151 19.88 -12.09 1.23
N LYS B 152 20.83 -12.56 2.04
CA LYS B 152 22.15 -12.97 1.57
C LYS B 152 22.30 -14.45 1.24
N ARG B 153 21.31 -15.26 1.58
CA ARG B 153 21.37 -16.69 1.30
C ARG B 153 20.07 -17.39 1.67
N VAL B 154 19.80 -18.49 0.97
CA VAL B 154 18.63 -19.31 1.18
C VAL B 154 19.22 -20.71 1.38
N LEU B 155 19.23 -21.16 2.63
CA LEU B 155 19.85 -22.44 2.96
C LEU B 155 18.91 -23.56 3.36
N PRO B 156 19.39 -24.82 3.21
CA PRO B 156 18.61 -26.00 3.58
C PRO B 156 18.64 -26.03 5.10
N ILE B 157 17.61 -26.60 5.72
CA ILE B 157 17.60 -26.68 7.16
C ILE B 157 16.70 -27.80 7.66
N ASP B 158 17.07 -28.38 8.80
CA ASP B 158 16.30 -29.44 9.45
C ASP B 158 16.35 -29.14 10.95
N VAL B 159 15.25 -28.62 11.50
CA VAL B 159 15.20 -28.26 12.92
C VAL B 159 15.35 -29.44 13.88
N HIS B 160 15.26 -30.66 13.35
CA HIS B 160 15.37 -31.85 14.18
C HIS B 160 16.82 -32.25 14.47
N GLN B 161 17.76 -31.66 13.74
CA GLN B 161 19.17 -31.97 13.95
C GLN B 161 19.76 -31.05 15.01
N PRO B 162 20.69 -31.55 15.83
CA PRO B 162 21.31 -30.72 16.88
C PRO B 162 21.91 -29.43 16.27
N GLN B 163 22.31 -29.54 15.00
CA GLN B 163 22.85 -28.40 14.25
C GLN B 163 21.91 -28.31 13.05
N PRO B 164 20.81 -27.55 13.18
CA PRO B 164 19.82 -27.38 12.12
C PRO B 164 20.36 -27.03 10.74
N LEU B 165 21.38 -26.18 10.69
CA LEU B 165 21.96 -25.77 9.42
C LEU B 165 23.11 -26.68 8.99
N GLY B 166 23.49 -27.61 9.86
CA GLY B 166 24.59 -28.51 9.56
C GLY B 166 25.85 -27.91 10.12
N ALA B 167 26.96 -28.64 10.05
CA ALA B 167 28.23 -28.13 10.58
C ALA B 167 28.97 -27.34 9.52
N GLY B 168 29.60 -26.25 9.94
CA GLY B 168 30.34 -25.40 9.03
C GLY B 168 29.47 -24.75 7.97
N SER B 169 28.23 -24.41 8.33
CA SER B 169 27.31 -23.77 7.38
C SER B 169 27.74 -22.34 7.11
N PRO B 170 27.20 -21.75 6.04
CA PRO B 170 27.51 -20.38 5.63
C PRO B 170 26.99 -19.34 6.62
N ALA B 171 25.80 -19.60 7.16
CA ALA B 171 25.16 -18.70 8.09
C ALA B 171 26.07 -18.05 9.13
N PRO B 172 26.01 -16.71 9.25
CA PRO B 172 26.86 -16.05 10.24
C PRO B 172 26.30 -16.43 11.60
N LEU B 173 27.00 -17.30 12.33
CA LEU B 173 26.52 -17.71 13.64
C LEU B 173 27.43 -17.22 14.74
N PRO B 174 26.86 -16.86 15.90
CA PRO B 174 25.42 -16.91 16.18
C PRO B 174 24.72 -15.63 15.71
N ALA B 175 23.46 -15.78 15.29
CA ALA B 175 22.67 -14.66 14.80
C ALA B 175 22.18 -13.77 15.94
N ASP B 176 21.83 -12.53 15.60
CA ASP B 176 21.33 -11.59 16.60
C ASP B 176 19.83 -11.79 16.83
N ALA B 177 19.16 -12.42 15.86
CA ALA B 177 17.74 -12.66 15.98
C ALA B 177 17.25 -13.82 15.12
N LEU B 178 16.12 -14.38 15.54
CA LEU B 178 15.50 -15.47 14.81
C LEU B 178 14.04 -15.16 14.58
N VAL B 179 13.57 -15.53 13.40
CA VAL B 179 12.17 -15.37 13.06
C VAL B 179 11.73 -16.75 12.61
N SER B 180 10.54 -17.18 13.00
CA SER B 180 10.05 -18.47 12.57
C SER B 180 8.56 -18.46 12.57
N ALA B 181 7.96 -18.80 11.43
CA ALA B 181 6.51 -18.78 11.37
C ALA B 181 5.92 -20.09 10.87
N PHE B 182 5.08 -20.69 11.69
CA PHE B 182 4.38 -21.93 11.37
C PHE B 182 5.30 -23.07 10.98
N CYS B 183 6.49 -23.11 11.56
CA CYS B 183 7.40 -24.18 11.23
C CYS B 183 7.48 -25.29 12.28
N LEU B 184 7.91 -24.93 13.48
CA LEU B 184 8.06 -25.91 14.55
C LEU B 184 6.88 -26.85 14.77
N GLU B 185 5.70 -26.30 15.07
CA GLU B 185 4.56 -27.17 15.33
C GLU B 185 4.10 -27.95 14.10
N ALA B 186 4.51 -27.50 12.91
CA ALA B 186 4.11 -28.16 11.67
C ALA B 186 5.04 -29.27 11.20
N VAL B 187 6.15 -29.48 11.91
CA VAL B 187 7.09 -30.53 11.52
C VAL B 187 7.47 -31.41 12.72
N SER B 188 6.82 -31.15 13.84
CA SER B 188 7.06 -31.92 15.06
C SER B 188 5.91 -32.86 15.32
N PRO B 189 6.21 -34.15 15.44
CA PRO B 189 5.18 -35.18 15.70
C PRO B 189 4.45 -34.95 17.01
N ASP B 190 5.20 -34.56 18.04
CA ASP B 190 4.62 -34.34 19.36
C ASP B 190 5.27 -33.18 20.11
N LEU B 191 4.68 -32.81 21.25
CA LEU B 191 5.20 -31.71 22.05
C LEU B 191 6.68 -31.85 22.41
N ALA B 192 7.12 -33.08 22.69
CA ALA B 192 8.53 -33.31 23.04
C ALA B 192 9.45 -33.00 21.87
N SER B 193 8.96 -33.29 20.66
CA SER B 193 9.73 -33.01 19.45
C SER B 193 9.74 -31.48 19.24
N PHE B 194 8.59 -30.86 19.49
CA PHE B 194 8.46 -29.40 19.39
C PHE B 194 9.52 -28.77 20.29
N GLN B 195 9.58 -29.25 21.54
CA GLN B 195 10.54 -28.75 22.52
C GLN B 195 11.98 -28.93 22.07
N ARG B 196 12.31 -30.09 21.53
CA ARG B 196 13.68 -30.35 21.08
C ARG B 196 14.03 -29.46 19.89
N ALA B 197 13.11 -29.33 18.94
CA ALA B 197 13.35 -28.49 17.78
C ALA B 197 13.62 -27.05 18.25
N LEU B 198 12.89 -26.60 19.26
CA LEU B 198 13.10 -25.25 19.77
C LEU B 198 14.51 -25.14 20.36
N ASP B 199 14.94 -26.17 21.08
CA ASP B 199 16.28 -26.16 21.66
C ASP B 199 17.34 -26.09 20.58
N HIS B 200 17.12 -26.81 19.47
CA HIS B 200 18.06 -26.84 18.36
C HIS B 200 18.25 -25.48 17.68
N ILE B 201 17.17 -24.84 17.25
CA ILE B 201 17.31 -23.55 16.59
C ILE B 201 17.82 -22.50 17.59
N THR B 202 17.58 -22.73 18.88
CA THR B 202 18.02 -21.79 19.91
C THR B 202 19.54 -21.74 20.00
N THR B 203 20.22 -22.80 19.56
CA THR B 203 21.67 -22.82 19.59
C THR B 203 22.24 -21.85 18.55
N LEU B 204 21.38 -21.38 17.65
CA LEU B 204 21.79 -20.45 16.60
C LEU B 204 21.67 -18.98 17.02
N LEU B 205 21.02 -18.72 18.16
CA LEU B 205 20.80 -17.37 18.64
C LEU B 205 21.79 -16.96 19.73
N ARG B 206 22.45 -15.82 19.56
CA ARG B 206 23.42 -15.36 20.55
C ARG B 206 22.69 -15.05 21.85
N PRO B 207 23.38 -15.18 22.99
CA PRO B 207 22.74 -14.88 24.27
C PRO B 207 22.27 -13.43 24.21
N GLY B 208 21.07 -13.17 24.71
CA GLY B 208 20.55 -11.81 24.66
C GLY B 208 19.86 -11.51 23.34
N GLY B 209 19.89 -12.48 22.43
CA GLY B 209 19.26 -12.31 21.14
C GLY B 209 17.75 -12.46 21.23
N HIS B 210 17.05 -12.13 20.15
CA HIS B 210 15.59 -12.21 20.13
C HIS B 210 15.03 -13.22 19.15
N LEU B 211 13.90 -13.80 19.53
CA LEU B 211 13.21 -14.78 18.70
C LEU B 211 11.76 -14.34 18.52
N LEU B 212 11.34 -14.19 17.28
CA LEU B 212 9.96 -13.81 17.01
C LEU B 212 9.34 -15.11 16.48
N LEU B 213 8.38 -15.66 17.22
CA LEU B 213 7.78 -16.92 16.83
C LEU B 213 6.28 -16.83 16.56
N ILE B 214 5.87 -17.31 15.39
CA ILE B 214 4.47 -17.33 14.99
C ILE B 214 4.09 -18.78 14.72
N GLY B 215 2.93 -19.21 15.19
CA GLY B 215 2.53 -20.58 14.96
C GLY B 215 1.05 -20.81 15.09
N ALA B 216 0.62 -22.02 14.70
CA ALA B 216 -0.78 -22.40 14.77
C ALA B 216 -1.14 -22.92 16.16
N LEU B 217 -2.33 -22.59 16.65
CA LEU B 217 -2.78 -23.04 17.97
C LEU B 217 -3.85 -24.12 17.83
N GLU B 218 -3.64 -25.23 18.55
CA GLU B 218 -4.58 -26.34 18.52
C GLU B 218 -4.89 -26.85 17.12
N GLU B 219 -3.85 -27.01 16.30
CA GLU B 219 -4.02 -27.51 14.95
C GLU B 219 -3.47 -28.93 14.83
N SER B 220 -4.18 -29.80 14.11
CA SER B 220 -3.72 -31.18 13.94
C SER B 220 -3.43 -31.55 12.48
N TRP B 221 -3.90 -30.74 11.53
CA TRP B 221 -3.64 -31.00 10.12
C TRP B 221 -3.87 -29.77 9.23
N TYR B 222 -3.21 -29.75 8.08
CA TYR B 222 -3.39 -28.69 7.10
C TYR B 222 -3.11 -29.29 5.73
N LEU B 223 -3.62 -28.65 4.69
CA LEU B 223 -3.44 -29.12 3.32
C LEU B 223 -2.49 -28.25 2.52
N ALA B 224 -1.67 -28.92 1.71
CA ALA B 224 -0.69 -28.25 0.85
C ALA B 224 -0.75 -28.97 -0.51
N GLY B 225 -1.91 -28.95 -1.13
CA GLY B 225 -2.08 -29.64 -2.40
C GLY B 225 -2.50 -31.07 -2.11
N GLU B 226 -1.80 -32.04 -2.69
CA GLU B 226 -2.15 -33.44 -2.43
C GLU B 226 -1.87 -33.77 -0.97
N ALA B 227 -0.76 -33.23 -0.49
CA ALA B 227 -0.31 -33.44 0.88
C ALA B 227 -1.20 -32.88 1.98
N ARG B 228 -1.58 -33.76 2.90
CA ARG B 228 -2.36 -33.40 4.08
C ARG B 228 -1.42 -33.80 5.20
N LEU B 229 -0.71 -32.82 5.75
CA LEU B 229 0.27 -33.07 6.79
C LEU B 229 -0.26 -33.03 8.22
N THR B 230 0.34 -33.85 9.07
CA THR B 230 -0.04 -33.93 10.46
C THR B 230 0.69 -32.88 11.28
N VAL B 231 -0.05 -32.21 12.15
CA VAL B 231 0.51 -31.17 12.99
C VAL B 231 0.20 -31.46 14.47
N VAL B 232 1.18 -31.19 15.33
CA VAL B 232 1.00 -31.38 16.77
C VAL B 232 0.21 -30.19 17.29
N PRO B 233 -0.97 -30.43 17.85
CA PRO B 233 -1.74 -29.30 18.37
C PRO B 233 -1.12 -28.80 19.67
N VAL B 234 -0.83 -27.50 19.74
CA VAL B 234 -0.24 -26.93 20.94
C VAL B 234 -1.09 -25.77 21.44
N SER B 235 -0.94 -25.46 22.71
CA SER B 235 -1.69 -24.38 23.35
C SER B 235 -0.74 -23.23 23.60
N GLU B 236 -1.29 -22.09 24.00
CA GLU B 236 -0.48 -20.93 24.32
C GLU B 236 0.38 -21.28 25.53
N GLU B 237 -0.22 -21.95 26.52
CA GLU B 237 0.51 -22.36 27.74
C GLU B 237 1.70 -23.25 27.40
N GLU B 238 1.48 -24.21 26.50
CA GLU B 238 2.53 -25.12 26.08
C GLU B 238 3.64 -24.36 25.36
N VAL B 239 3.27 -23.41 24.52
CA VAL B 239 4.27 -22.62 23.80
C VAL B 239 5.06 -21.80 24.81
N ARG B 240 4.39 -21.18 25.78
CA ARG B 240 5.09 -20.39 26.78
C ARG B 240 6.09 -21.21 27.58
N GLU B 241 5.67 -22.39 28.03
CA GLU B 241 6.55 -23.24 28.80
C GLU B 241 7.76 -23.72 28.02
N ALA B 242 7.58 -24.03 26.74
CA ALA B 242 8.71 -24.48 25.92
C ALA B 242 9.75 -23.36 25.81
N LEU B 243 9.27 -22.13 25.59
CA LEU B 243 10.17 -20.98 25.49
C LEU B 243 10.94 -20.85 26.80
N VAL B 244 10.21 -20.80 27.91
CA VAL B 244 10.83 -20.69 29.23
C VAL B 244 11.82 -21.84 29.37
N ARG B 245 11.38 -23.04 28.97
CA ARG B 245 12.21 -24.23 29.05
C ARG B 245 13.51 -24.13 28.25
N SER B 246 13.47 -23.48 27.09
CA SER B 246 14.68 -23.34 26.27
C SER B 246 15.57 -22.19 26.69
N GLY B 247 15.18 -21.48 27.74
CA GLY B 247 16.00 -20.38 28.23
C GLY B 247 15.70 -19.00 27.68
N TYR B 248 14.42 -18.71 27.49
CA TYR B 248 14.00 -17.42 26.97
C TYR B 248 13.15 -16.75 28.03
N LYS B 249 13.17 -15.42 28.01
CA LYS B 249 12.30 -14.65 28.89
C LYS B 249 11.25 -14.27 27.87
N VAL B 250 9.99 -14.51 28.18
CA VAL B 250 8.93 -14.17 27.24
C VAL B 250 8.58 -12.71 27.42
N ARG B 251 8.73 -11.94 26.36
CA ARG B 251 8.43 -10.52 26.39
C ARG B 251 6.99 -10.24 25.95
N ASP B 252 6.50 -11.08 25.05
CA ASP B 252 5.14 -10.89 24.55
C ASP B 252 4.62 -12.20 23.96
N LEU B 253 3.35 -12.49 24.22
CA LEU B 253 2.72 -13.70 23.71
C LEU B 253 1.23 -13.39 23.54
N ARG B 254 0.82 -13.21 22.29
CA ARG B 254 -0.57 -12.89 22.00
C ARG B 254 -1.21 -14.00 21.20
N THR B 255 -2.53 -14.09 21.31
CA THR B 255 -3.29 -15.09 20.59
C THR B 255 -4.34 -14.42 19.72
N TYR B 256 -4.54 -14.98 18.53
CA TYR B 256 -5.55 -14.52 17.59
C TYR B 256 -6.49 -15.72 17.45
N ILE B 257 -7.78 -15.52 17.65
CA ILE B 257 -8.72 -16.62 17.51
C ILE B 257 -9.24 -16.60 16.10
N MET B 258 -9.03 -17.70 15.39
CA MET B 258 -9.45 -17.79 14.00
C MET B 258 -10.95 -17.67 13.82
N PRO B 259 -11.40 -16.61 13.14
CA PRO B 259 -12.83 -16.37 12.88
C PRO B 259 -13.44 -17.53 12.10
N ALA B 260 -14.73 -17.77 12.32
CA ALA B 260 -15.43 -18.86 11.65
C ALA B 260 -15.27 -18.81 10.14
N HIS B 261 -15.35 -17.62 9.59
CA HIS B 261 -15.26 -17.48 8.15
C HIS B 261 -13.86 -17.63 7.56
N LEU B 262 -12.84 -17.72 8.41
CA LEU B 262 -11.48 -17.92 7.91
C LEU B 262 -11.11 -19.40 8.07
N GLN B 263 -11.98 -20.14 8.76
CA GLN B 263 -11.76 -21.56 8.95
C GLN B 263 -12.35 -22.22 7.72
N THR B 264 -11.58 -22.21 6.65
N THR B 264 -11.59 -22.19 6.63
CA THR B 264 -11.98 -22.85 5.41
CA THR B 264 -12.01 -22.69 5.31
C THR B 264 -11.66 -24.32 5.66
C THR B 264 -11.82 -24.14 4.88
N GLY B 265 -11.52 -25.10 4.58
N GLY B 265 -11.31 -25.01 5.74
CA GLY B 265 -11.20 -26.50 4.77
CA GLY B 265 -11.14 -26.39 5.34
C GLY B 265 -9.75 -26.78 4.49
C GLY B 265 -9.70 -26.79 5.04
N VAL B 266 -8.87 -25.81 4.72
CA VAL B 266 -7.46 -26.03 4.44
C VAL B 266 -6.72 -26.55 5.67
N ASP B 267 -7.37 -26.44 6.83
CA ASP B 267 -6.79 -26.91 8.10
C ASP B 267 -7.83 -26.87 9.21
N ASP B 268 -7.45 -27.26 10.41
CA ASP B 268 -8.38 -27.21 11.54
C ASP B 268 -7.81 -26.29 12.61
N VAL B 269 -7.02 -25.31 12.18
CA VAL B 269 -6.39 -24.36 13.09
C VAL B 269 -7.45 -23.60 13.87
N LYS B 270 -7.26 -23.44 15.17
CA LYS B 270 -8.23 -22.73 16.01
C LYS B 270 -7.78 -21.30 16.28
N GLY B 271 -6.47 -21.08 16.24
CA GLY B 271 -5.94 -19.76 16.47
C GLY B 271 -4.49 -19.66 16.07
N VAL B 272 -3.93 -18.46 16.20
CA VAL B 272 -2.52 -18.24 15.86
C VAL B 272 -1.87 -17.52 17.03
N PHE B 273 -0.61 -17.84 17.29
CA PHE B 273 0.10 -17.19 18.38
C PHE B 273 1.31 -16.45 17.87
N PHE B 274 1.68 -15.39 18.58
CA PHE B 274 2.84 -14.61 18.24
C PHE B 274 3.61 -14.46 19.54
N ALA B 275 4.85 -14.89 19.53
CA ALA B 275 5.66 -14.80 20.72
C ALA B 275 6.95 -14.03 20.47
N TRP B 276 7.26 -13.11 21.38
CA TRP B 276 8.50 -12.35 21.32
C TRP B 276 9.26 -12.81 22.55
N ALA B 277 10.34 -13.54 22.33
CA ALA B 277 11.14 -14.06 23.44
C ALA B 277 12.60 -13.68 23.29
N GLN B 278 13.26 -13.49 24.42
CA GLN B 278 14.66 -13.10 24.42
C GLN B 278 15.50 -14.14 25.16
N LYS B 279 16.51 -14.67 24.47
CA LYS B 279 17.39 -15.68 25.05
C LYS B 279 18.23 -15.09 26.18
N VAL B 280 18.13 -15.71 27.35
CA VAL B 280 18.87 -15.28 28.54
C VAL B 280 20.38 -15.23 28.31
N GLY B 281 20.97 -14.08 28.68
CA GLY B 281 22.40 -13.89 28.52
C GLY B 281 23.24 -14.49 29.63
#